data_1NGP
#
_entry.id   1NGP
#
_cell.length_a   110.691
_cell.length_b   110.691
_cell.length_c   98.250
_cell.angle_alpha   90.00
_cell.angle_beta   90.00
_cell.angle_gamma   90.00
#
_symmetry.space_group_name_H-M   'P 41 21 2'
#
loop_
_entity.id
_entity.type
_entity.pdbx_description
1 polymer 'N1G9 (IGG1-LAMBDA)'
2 polymer 'N1G9 (IGG1-LAMBDA)'
3 non-polymer 'SULFATE ION'
4 non-polymer '2-(4-HYDROXY-3-NITROPHENYL)ACETIC ACID'
5 water water
#
loop_
_entity_poly.entity_id
_entity_poly.type
_entity_poly.pdbx_seq_one_letter_code
_entity_poly.pdbx_strand_id
1 'polypeptide(L)'
;QAVVTQESALTTSPGETVTLTCRSSTGAVTTSNYANWVQEKPDHLFTGLIGGTNNRAPGVPARFSGSLIGDKAALTITGA
QTEDEAIYFCALWYSNHWVFGGGTKLTVLGQPKSSPSVTLFPPSSEELETNKATLVCTITDFYPGVVTVDWKVDGTPVTQ
GMETTQPSKQSNNKYMASSYLTLTARAWERHSSYSCQVTHEGHTVEKSLSRADCS
;
L
2 'polypeptide(L)'
;QVQLQQPGAELVKPGASVKLSCKASGYTFTSYWMHWVKQRPGRGLEWIGRIDPNSGGTKYNEKFKSKATLTVDKPSSTAY
MQLSSLTSEDSAVYYCARYDYYGSSYFDYWGQGTTLTVSSAKTTPPSVYPLAPGSAAQTNSMVTLGCLVKGYFPEPVTVT
WNSGSLSSGVHTFPAVLQSDLYTLSSSVTVPSSPWPSETVTCNVAHPASSTKVDKKIVPRDC
;
H
#
loop_
_chem_comp.id
_chem_comp.type
_chem_comp.name
_chem_comp.formula
NPA non-polymer '2-(4-HYDROXY-3-NITROPHENYL)ACETIC ACID' 'C8 H7 N O5'
SO4 non-polymer 'SULFATE ION' 'O4 S -2'
#
# COMPACT_ATOMS: atom_id res chain seq x y z
N GLN A 1 -12.64 -20.27 -1.38
CA GLN A 1 -14.10 -20.20 -1.61
C GLN A 1 -14.89 -19.87 -0.34
N ALA A 2 -14.27 -19.16 0.57
CA ALA A 2 -14.87 -18.66 1.81
C ALA A 2 -14.42 -17.19 1.85
N VAL A 3 -15.11 -16.40 2.62
CA VAL A 3 -14.70 -14.98 2.66
C VAL A 3 -14.58 -14.56 4.10
N VAL A 4 -13.42 -14.00 4.40
CA VAL A 4 -13.04 -13.55 5.75
C VAL A 4 -13.20 -12.05 5.86
N THR A 5 -13.96 -11.68 6.87
CA THR A 5 -14.26 -10.30 7.16
C THR A 5 -13.73 -9.85 8.52
N GLN A 6 -13.16 -8.65 8.47
CA GLN A 6 -12.62 -7.93 9.61
C GLN A 6 -13.08 -6.47 9.57
N GLU A 7 -13.00 -5.89 10.76
CA GLU A 7 -13.37 -4.45 10.79
C GLU A 7 -12.33 -3.75 9.96
N SER A 8 -12.70 -2.70 9.30
CA SER A 8 -11.84 -1.88 8.47
C SER A 8 -10.80 -1.14 9.28
N ALA A 9 -11.27 -0.35 10.22
CA ALA A 9 -10.36 0.48 11.02
C ALA A 9 -10.97 0.59 12.41
N LEU A 10 -10.17 0.76 13.42
CA LEU A 10 -10.53 0.93 14.82
C LEU A 10 -9.46 1.91 15.39
N THR A 11 -9.89 2.62 16.38
CA THR A 11 -9.08 3.59 17.06
C THR A 11 -9.14 3.36 18.55
N THR A 12 -8.02 3.41 19.21
CA THR A 12 -8.06 3.27 20.69
C THR A 12 -6.99 4.21 21.19
N SER A 13 -6.71 4.22 22.46
CA SER A 13 -5.73 5.01 23.17
C SER A 13 -4.84 4.08 23.96
N PRO A 14 -3.61 4.46 24.15
CA PRO A 14 -2.68 3.62 24.94
C PRO A 14 -3.41 3.22 26.19
N GLY A 15 -3.14 2.09 26.76
CA GLY A 15 -3.82 1.66 27.99
C GLY A 15 -5.11 0.97 27.73
N GLU A 16 -5.75 1.22 26.60
CA GLU A 16 -7.05 0.55 26.36
C GLU A 16 -6.98 -0.91 25.97
N THR A 17 -8.10 -1.61 26.03
CA THR A 17 -8.36 -2.99 25.66
C THR A 17 -9.25 -2.92 24.39
N VAL A 18 -8.72 -3.55 23.35
CA VAL A 18 -9.45 -3.55 22.05
C VAL A 18 -9.48 -4.98 21.53
N THR A 19 -10.51 -5.34 20.79
CA THR A 19 -10.77 -6.61 20.18
C THR A 19 -11.06 -6.53 18.70
N LEU A 20 -10.20 -7.21 17.94
CA LEU A 20 -10.39 -7.27 16.48
C LEU A 20 -11.13 -8.59 16.25
N THR A 21 -12.04 -8.66 15.31
CA THR A 21 -12.78 -9.90 15.03
C THR A 21 -12.53 -10.39 13.61
N CYS A 22 -12.79 -11.66 13.39
CA CYS A 22 -12.58 -12.34 12.10
C CYS A 22 -13.73 -13.31 11.83
N ARG A 23 -14.59 -12.94 10.90
CA ARG A 23 -15.75 -13.75 10.55
C ARG A 23 -15.51 -14.55 9.27
N SER A 24 -16.13 -15.71 9.19
CA SER A 24 -16.03 -16.55 7.98
C SER A 24 -17.36 -16.50 7.28
N SER A 25 -17.53 -16.53 5.99
CA SER A 25 -18.86 -16.45 5.38
C SER A 25 -19.67 -17.72 5.37
N THR A 26 -19.04 -18.81 5.64
CA THR A 26 -19.66 -20.13 5.63
C THR A 26 -20.03 -20.68 6.96
N GLY A 27 -19.90 -20.03 8.08
CA GLY A 27 -20.30 -20.65 9.35
C GLY A 27 -19.45 -20.09 10.48
N ALA A 28 -19.36 -20.84 11.55
CA ALA A 28 -18.59 -20.37 12.72
C ALA A 28 -17.12 -20.65 12.43
N VAL A 29 -16.33 -19.87 13.10
CA VAL A 29 -14.88 -20.15 12.97
C VAL A 29 -14.73 -21.14 14.12
N THR A 30 -14.08 -22.23 13.92
CA THR A 30 -13.84 -23.28 14.94
C THR A 30 -12.35 -23.49 15.11
N THR A 31 -11.94 -24.37 16.01
CA THR A 31 -10.50 -24.59 16.17
C THR A 31 -9.94 -25.33 14.97
N SER A 32 -10.72 -25.67 13.99
CA SER A 32 -10.26 -26.39 12.82
C SER A 32 -9.86 -25.42 11.72
N ASN A 33 -10.05 -24.14 11.99
CA ASN A 33 -9.71 -23.10 11.01
C ASN A 33 -8.33 -22.54 11.39
N TYR A 34 -7.76 -23.04 12.43
CA TYR A 34 -6.44 -22.63 12.92
C TYR A 34 -6.23 -21.16 12.71
N ALA A 35 -7.08 -20.33 13.21
CA ALA A 35 -7.02 -18.87 13.00
C ALA A 35 -5.63 -18.38 13.36
N ASN A 36 -5.06 -17.62 12.47
CA ASN A 36 -3.79 -16.97 12.50
C ASN A 36 -3.99 -15.44 12.54
N TRP A 37 -3.14 -14.75 13.25
CA TRP A 37 -3.14 -13.27 13.34
C TRP A 37 -1.74 -12.80 12.91
N VAL A 38 -1.67 -11.87 12.01
CA VAL A 38 -0.43 -11.35 11.43
C VAL A 38 -0.48 -9.82 11.51
N GLN A 39 0.68 -9.22 11.69
CA GLN A 39 0.70 -7.76 11.82
C GLN A 39 1.53 -7.17 10.70
N GLU A 40 1.10 -6.16 10.03
CA GLU A 40 1.89 -5.51 8.98
C GLU A 40 2.28 -4.14 9.51
N LYS A 41 3.52 -3.80 9.72
CA LYS A 41 3.93 -2.46 10.20
C LYS A 41 4.58 -1.85 8.94
N PRO A 42 4.65 -0.52 8.91
CA PRO A 42 5.20 0.19 7.74
C PRO A 42 6.61 -0.26 7.38
N ASP A 43 6.79 -0.47 6.10
CA ASP A 43 7.94 -0.86 5.32
C ASP A 43 7.90 -2.34 4.90
N HIS A 44 6.69 -2.87 4.78
CA HIS A 44 6.39 -4.25 4.37
C HIS A 44 6.99 -5.30 5.29
N LEU A 45 6.80 -5.05 6.57
CA LEU A 45 7.25 -5.79 7.73
C LEU A 45 6.18 -6.70 8.33
N PHE A 46 6.26 -8.02 8.14
CA PHE A 46 5.28 -8.96 8.67
C PHE A 46 5.86 -9.77 9.82
N THR A 47 5.01 -9.93 10.81
CA THR A 47 5.23 -10.67 12.03
C THR A 47 3.95 -11.47 12.32
N GLY A 48 4.11 -12.72 12.69
CA GLY A 48 2.97 -13.55 13.06
C GLY A 48 2.96 -13.40 14.60
N LEU A 49 1.80 -13.19 15.12
CA LEU A 49 1.40 -12.98 16.49
C LEU A 49 0.78 -14.25 17.09
N ILE A 50 -0.35 -14.70 16.59
CA ILE A 50 -1.11 -15.84 17.00
C ILE A 50 -1.27 -16.88 15.86
N GLY A 51 -1.18 -18.11 16.26
CA GLY A 51 -1.34 -19.22 15.27
C GLY A 51 -2.29 -20.17 16.00
N GLY A 52 -2.89 -21.11 15.36
CA GLY A 52 -3.75 -22.09 16.02
C GLY A 52 -4.81 -21.54 16.92
N THR A 53 -5.44 -20.43 16.60
CA THR A 53 -6.49 -19.78 17.34
C THR A 53 -5.96 -18.93 18.49
N ASN A 54 -5.12 -19.56 19.28
CA ASN A 54 -4.57 -18.96 20.48
C ASN A 54 -3.14 -19.22 20.83
N ASN A 55 -2.27 -19.63 19.96
CA ASN A 55 -0.88 -19.83 20.41
C ASN A 55 -0.16 -18.51 20.09
N ARG A 56 0.41 -17.94 21.09
CA ARG A 56 1.14 -16.67 20.92
C ARG A 56 2.52 -17.01 20.38
N ALA A 57 2.83 -16.40 19.26
CA ALA A 57 4.13 -16.57 18.59
C ALA A 57 5.15 -16.08 19.64
N PRO A 58 6.31 -16.65 19.53
CA PRO A 58 7.40 -16.39 20.49
C PRO A 58 7.94 -15.00 20.23
N GLY A 59 8.13 -14.35 21.37
CA GLY A 59 8.61 -12.97 21.35
C GLY A 59 7.48 -12.01 21.02
N VAL A 60 6.24 -12.42 21.20
CA VAL A 60 5.09 -11.51 20.92
C VAL A 60 4.65 -11.10 22.32
N PRO A 61 4.50 -9.84 22.61
CA PRO A 61 4.12 -9.36 23.95
C PRO A 61 2.96 -10.12 24.50
N ALA A 62 2.80 -10.20 25.80
CA ALA A 62 1.66 -10.98 26.33
C ALA A 62 0.38 -10.21 26.26
N ARG A 63 0.47 -8.96 25.86
CA ARG A 63 -0.74 -8.14 25.75
C ARG A 63 -1.53 -8.66 24.56
N PHE A 64 -0.99 -9.47 23.66
CA PHE A 64 -1.75 -9.97 22.50
C PHE A 64 -2.39 -11.31 22.77
N SER A 65 -3.68 -11.55 22.65
CA SER A 65 -4.14 -12.94 22.90
C SER A 65 -5.23 -13.25 21.89
N GLY A 66 -5.38 -14.52 21.55
CA GLY A 66 -6.34 -14.95 20.53
C GLY A 66 -7.36 -15.88 21.19
N SER A 67 -8.53 -15.92 20.58
CA SER A 67 -9.61 -16.79 21.11
C SER A 67 -10.76 -16.82 20.14
N LEU A 68 -11.83 -17.49 20.48
CA LEU A 68 -13.06 -17.52 19.68
C LEU A 68 -14.14 -16.90 20.60
N ILE A 69 -14.91 -15.99 20.06
CA ILE A 69 -15.97 -15.26 20.75
C ILE A 69 -17.23 -15.45 19.92
N GLY A 70 -17.90 -16.53 20.26
CA GLY A 70 -19.13 -16.88 19.51
C GLY A 70 -18.62 -17.69 18.28
N ASP A 71 -18.95 -17.17 17.14
CA ASP A 71 -18.69 -17.74 15.83
C ASP A 71 -17.51 -17.16 15.10
N LYS A 72 -16.74 -16.31 15.74
CA LYS A 72 -15.58 -15.62 15.15
C LYS A 72 -14.29 -15.88 15.87
N ALA A 73 -13.19 -15.51 15.25
CA ALA A 73 -11.86 -15.67 15.90
C ALA A 73 -11.66 -14.26 16.44
N ALA A 74 -10.90 -14.02 17.46
CA ALA A 74 -10.77 -12.64 17.96
C ALA A 74 -9.35 -12.42 18.47
N LEU A 75 -8.85 -11.21 18.30
CA LEU A 75 -7.52 -10.86 18.83
C LEU A 75 -7.78 -9.67 19.78
N THR A 76 -7.37 -9.88 21.01
CA THR A 76 -7.56 -8.85 22.02
C THR A 76 -6.20 -8.27 22.42
N ILE A 77 -5.95 -7.00 22.32
CA ILE A 77 -4.74 -6.33 22.78
C ILE A 77 -5.12 -5.68 24.12
N THR A 78 -4.66 -6.22 25.22
CA THR A 78 -4.93 -5.76 26.57
C THR A 78 -3.85 -4.78 27.01
N GLY A 79 -4.20 -3.51 26.88
CA GLY A 79 -3.25 -2.45 27.27
C GLY A 79 -2.46 -2.09 26.02
N ALA A 80 -3.18 -1.68 25.02
CA ALA A 80 -2.64 -1.30 23.73
C ALA A 80 -1.53 -0.30 23.96
N GLN A 81 -0.50 -0.38 23.19
CA GLN A 81 0.65 0.53 23.25
C GLN A 81 0.70 1.27 21.91
N THR A 82 1.42 2.38 21.79
CA THR A 82 1.44 3.11 20.52
C THR A 82 2.14 2.31 19.45
N GLU A 83 3.01 1.41 19.83
CA GLU A 83 3.73 0.56 18.88
C GLU A 83 2.77 -0.42 18.19
N ASP A 84 1.57 -0.58 18.74
CA ASP A 84 0.57 -1.49 18.25
C ASP A 84 -0.17 -0.91 17.06
N GLU A 85 0.11 0.30 16.68
CA GLU A 85 -0.55 0.95 15.54
C GLU A 85 0.00 0.32 14.26
N ALA A 86 -0.84 -0.45 13.62
CA ALA A 86 -0.46 -1.19 12.40
C ALA A 86 -1.71 -1.82 11.81
N ILE A 87 -1.53 -2.64 10.81
CA ILE A 87 -2.59 -3.38 10.12
C ILE A 87 -2.59 -4.82 10.59
N TYR A 88 -3.71 -5.38 10.96
CA TYR A 88 -3.72 -6.75 11.48
C TYR A 88 -4.48 -7.62 10.54
N PHE A 89 -3.96 -8.72 10.00
CA PHE A 89 -4.84 -9.53 9.10
C PHE A 89 -5.14 -10.85 9.83
N CYS A 90 -6.23 -11.52 9.54
CA CYS A 90 -6.46 -12.85 10.12
C CYS A 90 -6.51 -13.78 8.89
N ALA A 91 -6.20 -15.01 9.16
CA ALA A 91 -6.21 -16.04 8.09
C ALA A 91 -6.95 -17.24 8.69
N LEU A 92 -7.74 -17.90 7.90
CA LEU A 92 -8.51 -19.07 8.33
C LEU A 92 -8.18 -20.18 7.34
N TRP A 93 -8.10 -21.37 7.85
CA TRP A 93 -7.82 -22.57 7.02
C TRP A 93 -9.14 -23.30 6.74
N TYR A 94 -9.37 -23.68 5.51
CA TYR A 94 -10.53 -24.39 4.98
C TYR A 94 -10.26 -25.75 4.36
N SER A 95 -9.78 -26.67 5.19
CA SER A 95 -9.39 -28.04 4.81
C SER A 95 -8.14 -28.07 3.94
N ASN A 96 -8.04 -27.18 2.93
CA ASN A 96 -6.83 -27.15 2.09
C ASN A 96 -6.45 -25.84 1.41
N HIS A 97 -6.92 -24.71 1.84
CA HIS A 97 -6.69 -23.36 1.31
C HIS A 97 -6.59 -22.45 2.57
N TRP A 98 -5.90 -21.33 2.52
CA TRP A 98 -5.85 -20.33 3.56
C TRP A 98 -6.63 -19.13 2.98
N VAL A 99 -7.44 -18.50 3.77
CA VAL A 99 -8.14 -17.27 3.30
C VAL A 99 -7.80 -16.23 4.36
N PHE A 100 -7.33 -15.10 3.90
CA PHE A 100 -6.89 -13.93 4.66
C PHE A 100 -8.04 -12.92 4.61
N GLY A 101 -8.25 -12.23 5.69
CA GLY A 101 -9.31 -11.18 5.80
C GLY A 101 -8.80 -9.94 5.06
N GLY A 102 -9.48 -8.82 5.08
CA GLY A 102 -9.00 -7.63 4.38
C GLY A 102 -8.04 -6.72 5.12
N GLY A 103 -7.85 -6.93 6.38
CA GLY A 103 -7.03 -6.21 7.32
C GLY A 103 -7.85 -5.15 8.08
N THR A 104 -7.48 -4.93 9.30
CA THR A 104 -8.00 -3.98 10.20
C THR A 104 -6.87 -2.96 10.50
N LYS A 105 -7.06 -1.71 10.13
CA LYS A 105 -6.05 -0.71 10.48
C LYS A 105 -6.24 -0.26 11.92
N LEU A 106 -5.36 -0.67 12.82
CA LEU A 106 -5.55 -0.20 14.20
C LEU A 106 -4.82 1.08 14.42
N THR A 107 -5.44 2.11 14.95
CA THR A 107 -4.74 3.36 15.31
C THR A 107 -4.72 3.45 16.84
N VAL A 108 -3.60 3.61 17.47
CA VAL A 108 -3.44 3.75 18.94
C VAL A 108 -2.92 5.19 19.11
N LEU A 109 -3.82 6.10 19.38
CA LEU A 109 -3.50 7.51 19.45
C LEU A 109 -2.28 7.87 20.27
N GLY A 110 -1.22 8.22 19.64
CA GLY A 110 0.01 8.69 20.26
C GLY A 110 0.11 10.22 20.13
N GLN A 111 -0.95 10.86 19.68
CA GLN A 111 -1.06 12.31 19.52
C GLN A 111 -2.49 12.67 19.17
N PRO A 112 -2.90 13.90 19.32
CA PRO A 112 -4.31 14.29 19.01
C PRO A 112 -4.70 14.01 17.59
N LYS A 113 -5.99 13.88 17.34
CA LYS A 113 -6.39 13.65 15.94
C LYS A 113 -6.09 14.95 15.21
N SER A 114 -6.00 14.89 13.90
CA SER A 114 -5.69 16.03 13.02
C SER A 114 -6.44 15.92 11.70
N SER A 115 -7.14 16.96 11.33
CA SER A 115 -7.93 17.05 10.11
C SER A 115 -7.01 17.26 8.92
N PRO A 116 -7.39 16.66 7.82
CA PRO A 116 -6.57 16.74 6.62
C PRO A 116 -6.55 18.16 6.09
N SER A 117 -5.59 18.43 5.25
CA SER A 117 -5.50 19.71 4.55
C SER A 117 -5.64 19.23 3.10
N VAL A 118 -6.77 19.53 2.52
CA VAL A 118 -7.07 19.11 1.15
C VAL A 118 -6.82 20.20 0.12
N THR A 119 -6.18 19.82 -0.98
CA THR A 119 -5.87 20.70 -2.11
C THR A 119 -6.14 20.01 -3.43
N LEU A 120 -6.84 20.80 -4.24
CA LEU A 120 -7.27 20.37 -5.59
C LEU A 120 -6.65 21.35 -6.59
N PHE A 121 -6.00 20.77 -7.55
CA PHE A 121 -5.37 21.59 -8.62
C PHE A 121 -6.01 21.07 -9.92
N PRO A 122 -6.38 22.00 -10.77
CA PRO A 122 -6.99 21.65 -12.06
C PRO A 122 -5.88 21.19 -12.99
N PRO A 123 -6.32 20.68 -14.13
CA PRO A 123 -5.36 20.22 -15.15
C PRO A 123 -4.48 21.42 -15.53
N SER A 124 -3.18 21.27 -15.60
CA SER A 124 -2.36 22.45 -16.01
C SER A 124 -2.63 22.66 -17.51
N SER A 125 -2.35 23.84 -17.98
CA SER A 125 -2.51 24.31 -19.35
C SER A 125 -1.71 23.54 -20.38
N GLU A 126 -0.46 23.32 -20.09
CA GLU A 126 0.49 22.59 -20.94
C GLU A 126 0.14 21.12 -21.07
N GLU A 127 -0.82 20.70 -20.26
CA GLU A 127 -1.28 19.32 -20.23
C GLU A 127 -2.46 19.09 -21.18
N LEU A 128 -3.39 20.04 -21.19
CA LEU A 128 -4.57 19.95 -22.08
C LEU A 128 -4.06 19.77 -23.51
N GLU A 129 -2.90 20.38 -23.76
CA GLU A 129 -2.25 20.30 -25.07
C GLU A 129 -1.88 18.85 -25.40
N THR A 130 -1.90 17.99 -24.40
CA THR A 130 -1.58 16.56 -24.69
C THR A 130 -2.95 15.94 -25.00
N ASN A 131 -3.93 16.83 -24.86
CA ASN A 131 -5.32 16.42 -25.03
C ASN A 131 -5.66 15.46 -23.87
N LYS A 132 -5.11 15.71 -22.72
CA LYS A 132 -5.28 15.01 -21.45
C LYS A 132 -5.32 16.06 -20.33
N ALA A 133 -6.11 15.81 -19.31
CA ALA A 133 -6.27 16.71 -18.16
C ALA A 133 -6.31 15.87 -16.87
N THR A 134 -5.36 16.08 -15.99
CA THR A 134 -5.34 15.33 -14.73
C THR A 134 -5.65 16.26 -13.57
N LEU A 135 -6.67 15.98 -12.80
CA LEU A 135 -7.06 16.78 -11.63
C LEU A 135 -6.31 16.15 -10.42
N VAL A 136 -5.61 16.96 -9.64
CA VAL A 136 -4.86 16.48 -8.48
C VAL A 136 -5.44 17.01 -7.18
N CYS A 137 -5.70 16.00 -6.34
CA CYS A 137 -6.23 16.21 -5.00
C CYS A 137 -5.21 15.66 -3.99
N THR A 138 -4.60 16.56 -3.31
CA THR A 138 -3.53 16.47 -2.31
C THR A 138 -4.06 16.46 -0.92
N ILE A 139 -3.77 15.48 -0.08
CA ILE A 139 -4.34 15.42 1.28
C ILE A 139 -3.25 15.09 2.27
N THR A 140 -2.89 15.99 3.14
CA THR A 140 -1.80 15.74 4.10
C THR A 140 -2.18 16.03 5.53
N ASP A 141 -1.23 15.75 6.40
CA ASP A 141 -1.36 15.99 7.84
C ASP A 141 -2.59 15.40 8.49
N PHE A 142 -3.12 14.25 8.12
CA PHE A 142 -4.32 13.75 8.85
C PHE A 142 -3.95 12.60 9.78
N TYR A 143 -4.68 12.46 10.84
CA TYR A 143 -4.48 11.39 11.81
C TYR A 143 -5.78 11.16 12.57
N PRO A 144 -6.35 9.95 12.65
CA PRO A 144 -5.84 8.69 12.13
C PRO A 144 -5.66 8.66 10.65
N GLY A 145 -4.71 7.86 10.22
CA GLY A 145 -4.36 7.76 8.80
C GLY A 145 -5.27 6.87 7.99
N VAL A 146 -6.50 7.29 7.88
CA VAL A 146 -7.56 6.58 7.14
C VAL A 146 -8.53 7.64 6.65
N VAL A 147 -8.72 7.88 5.39
CA VAL A 147 -9.60 8.84 4.78
C VAL A 147 -10.39 8.14 3.64
N THR A 148 -11.37 8.86 3.15
CA THR A 148 -12.20 8.39 2.04
C THR A 148 -12.24 9.60 1.12
N VAL A 149 -11.90 9.34 -0.08
CA VAL A 149 -11.84 10.39 -1.09
C VAL A 149 -12.93 10.07 -2.12
N ASP A 150 -13.66 11.09 -2.44
CA ASP A 150 -14.75 11.00 -3.41
C ASP A 150 -14.68 12.20 -4.35
N TRP A 151 -14.73 11.81 -5.61
CA TRP A 151 -14.72 12.82 -6.68
C TRP A 151 -16.18 13.00 -7.14
N LYS A 152 -16.42 14.24 -7.51
CA LYS A 152 -17.71 14.70 -8.00
C LYS A 152 -17.44 15.67 -9.16
N VAL A 153 -17.79 15.13 -10.31
CA VAL A 153 -17.72 15.81 -11.61
C VAL A 153 -19.19 16.21 -11.82
N ASP A 154 -19.43 17.46 -12.07
CA ASP A 154 -20.72 18.09 -12.30
C ASP A 154 -21.80 17.63 -11.35
N GLY A 155 -21.54 17.25 -10.12
CA GLY A 155 -22.61 16.81 -9.21
C GLY A 155 -22.88 15.32 -9.15
N THR A 156 -22.28 14.49 -9.97
CA THR A 156 -22.46 13.04 -9.96
C THR A 156 -21.18 12.33 -9.52
N PRO A 157 -21.33 11.51 -8.49
CA PRO A 157 -20.17 10.74 -8.02
C PRO A 157 -19.49 10.23 -9.29
N VAL A 158 -18.17 10.27 -9.27
CA VAL A 158 -17.36 9.80 -10.42
C VAL A 158 -16.83 8.45 -9.95
N THR A 159 -17.28 7.44 -10.66
CA THR A 159 -16.90 6.06 -10.29
C THR A 159 -16.03 5.41 -11.32
N GLN A 160 -15.04 6.19 -11.75
CA GLN A 160 -14.07 5.70 -12.73
C GLN A 160 -13.17 6.81 -13.25
N GLY A 161 -11.90 6.41 -13.25
CA GLY A 161 -10.77 7.22 -13.69
C GLY A 161 -9.97 7.77 -12.52
N MET A 162 -10.48 7.54 -11.34
CA MET A 162 -9.93 8.00 -10.09
C MET A 162 -9.03 6.94 -9.46
N GLU A 163 -7.82 7.35 -9.15
CA GLU A 163 -6.78 6.53 -8.49
C GLU A 163 -6.35 7.22 -7.19
N THR A 164 -6.36 6.49 -6.08
CA THR A 164 -5.99 7.01 -4.78
C THR A 164 -4.83 6.27 -4.15
N THR A 165 -3.82 7.01 -3.75
CA THR A 165 -2.61 6.52 -3.10
C THR A 165 -2.97 5.98 -1.72
N GLN A 166 -2.19 5.05 -1.25
CA GLN A 166 -2.44 4.52 0.15
C GLN A 166 -1.75 5.51 1.08
N PRO A 167 -2.34 5.82 2.21
CA PRO A 167 -1.73 6.79 3.14
C PRO A 167 -0.32 6.34 3.45
N SER A 168 0.61 7.23 3.40
CA SER A 168 2.05 7.12 3.71
C SER A 168 2.30 7.96 4.96
N LYS A 169 3.16 7.46 5.84
CA LYS A 169 3.50 8.16 7.08
C LYS A 169 4.51 9.27 6.81
N GLN A 170 4.10 10.44 7.25
CA GLN A 170 4.95 11.63 7.14
C GLN A 170 5.88 11.48 8.35
N SER A 171 6.85 12.37 8.42
CA SER A 171 7.81 12.36 9.53
C SER A 171 7.21 12.77 10.86
N ASN A 172 6.17 13.60 10.85
CA ASN A 172 5.46 14.03 12.07
C ASN A 172 4.57 12.91 12.59
N ASN A 173 4.42 11.81 11.88
CA ASN A 173 3.60 10.68 12.29
C ASN A 173 2.12 10.83 11.86
N LYS A 174 1.89 11.80 11.03
CA LYS A 174 0.58 12.06 10.42
C LYS A 174 0.69 11.44 9.02
N TYR A 175 -0.39 11.41 8.27
CA TYR A 175 -0.32 10.76 6.94
C TYR A 175 -0.71 11.73 5.85
N MET A 176 -0.34 11.34 4.64
CA MET A 176 -0.64 12.10 3.42
C MET A 176 -1.10 11.09 2.39
N ALA A 177 -1.86 11.46 1.40
CA ALA A 177 -2.35 10.55 0.36
C ALA A 177 -2.66 11.48 -0.81
N SER A 178 -2.82 10.99 -1.99
CA SER A 178 -3.19 11.85 -3.11
C SER A 178 -4.06 11.01 -4.07
N SER A 179 -5.04 11.69 -4.57
CA SER A 179 -6.04 11.18 -5.50
C SER A 179 -5.88 11.88 -6.84
N TYR A 180 -5.91 11.15 -7.90
CA TYR A 180 -5.82 11.78 -9.24
C TYR A 180 -7.12 11.54 -9.99
N LEU A 181 -7.65 12.46 -10.75
CA LEU A 181 -8.86 12.18 -11.57
C LEU A 181 -8.34 12.42 -13.00
N THR A 182 -8.16 11.39 -13.80
CA THR A 182 -7.65 11.64 -15.17
C THR A 182 -8.78 11.65 -16.18
N LEU A 183 -8.86 12.74 -16.92
CA LEU A 183 -9.85 12.99 -17.97
C LEU A 183 -9.11 13.20 -19.31
N THR A 184 -9.93 13.60 -20.28
CA THR A 184 -9.43 13.86 -21.64
C THR A 184 -9.56 15.36 -21.89
N ALA A 185 -8.60 15.93 -22.59
CA ALA A 185 -8.61 17.38 -22.82
C ALA A 185 -10.07 17.78 -23.07
N ARG A 186 -10.79 16.84 -23.62
CA ARG A 186 -12.17 16.79 -24.04
C ARG A 186 -13.22 16.84 -22.92
N ALA A 187 -13.22 15.77 -22.14
CA ALA A 187 -14.13 15.56 -21.01
C ALA A 187 -14.11 16.75 -20.06
N TRP A 188 -12.92 17.29 -19.93
CA TRP A 188 -12.56 18.46 -19.11
C TRP A 188 -13.45 19.64 -19.51
N GLU A 189 -13.39 19.97 -20.78
CA GLU A 189 -14.13 21.05 -21.41
C GLU A 189 -15.63 20.78 -21.40
N ARG A 190 -15.99 19.50 -21.52
CA ARG A 190 -17.43 19.19 -21.55
C ARG A 190 -18.13 19.45 -20.23
N HIS A 191 -17.47 19.36 -19.09
CA HIS A 191 -18.09 19.53 -17.76
C HIS A 191 -17.90 20.86 -17.08
N SER A 192 -18.63 21.08 -15.97
CA SER A 192 -18.54 22.40 -15.32
C SER A 192 -17.76 22.48 -14.04
N SER A 193 -18.11 21.68 -13.05
CA SER A 193 -17.48 21.69 -11.72
C SER A 193 -16.84 20.37 -11.29
N TYR A 194 -15.68 20.47 -10.64
CA TYR A 194 -15.02 19.23 -10.18
C TYR A 194 -14.92 19.32 -8.66
N SER A 195 -15.13 18.17 -8.04
CA SER A 195 -15.06 18.17 -6.58
C SER A 195 -14.32 16.96 -6.05
N CYS A 196 -13.49 17.26 -5.06
CA CYS A 196 -12.68 16.24 -4.36
C CYS A 196 -13.25 16.27 -2.94
N GLN A 197 -13.81 15.18 -2.49
CA GLN A 197 -14.39 15.15 -1.14
C GLN A 197 -13.63 14.08 -0.35
N VAL A 198 -13.15 14.54 0.81
CA VAL A 198 -12.38 13.76 1.74
C VAL A 198 -13.11 13.63 3.07
N THR A 199 -13.37 12.39 3.43
CA THR A 199 -14.05 12.09 4.70
C THR A 199 -12.99 11.55 5.63
N HIS A 200 -12.91 12.20 6.78
CA HIS A 200 -11.89 11.85 7.77
C HIS A 200 -12.50 11.85 9.16
N GLU A 201 -12.37 10.76 9.86
CA GLU A 201 -12.88 10.57 11.19
C GLU A 201 -14.13 11.40 11.47
N GLY A 202 -15.11 11.16 10.62
CA GLY A 202 -16.44 11.67 10.61
C GLY A 202 -16.72 13.00 9.97
N HIS A 203 -15.72 13.81 9.76
CA HIS A 203 -15.94 15.17 9.18
C HIS A 203 -15.49 15.11 7.73
N THR A 204 -16.13 15.88 6.88
CA THR A 204 -15.88 15.92 5.45
C THR A 204 -15.38 17.27 5.00
N VAL A 205 -14.36 17.28 4.17
CA VAL A 205 -13.84 18.54 3.60
C VAL A 205 -13.97 18.36 2.08
N GLU A 206 -14.56 19.39 1.48
CA GLU A 206 -14.81 19.42 0.05
C GLU A 206 -14.11 20.57 -0.67
N LYS A 207 -13.22 20.15 -1.55
CA LYS A 207 -12.48 21.14 -2.36
C LYS A 207 -13.10 21.11 -3.75
N SER A 208 -13.69 22.22 -4.14
CA SER A 208 -14.37 22.35 -5.44
C SER A 208 -13.64 23.26 -6.39
N LEU A 209 -13.57 22.79 -7.61
CA LEU A 209 -12.89 23.51 -8.73
C LEU A 209 -14.03 23.89 -9.67
N SER A 210 -14.03 25.15 -10.06
CA SER A 210 -15.09 25.68 -10.96
C SER A 210 -14.48 26.05 -12.30
N ARG A 211 -14.45 25.06 -13.18
CA ARG A 211 -13.88 25.27 -14.53
C ARG A 211 -14.47 26.54 -15.16
N GLN B 1 19.07 -17.18 15.36
CA GLN B 1 18.52 -15.96 14.70
C GLN B 1 17.77 -16.29 13.41
N VAL B 2 16.42 -16.40 13.41
CA VAL B 2 15.71 -16.78 12.19
C VAL B 2 15.49 -15.59 11.26
N GLN B 3 15.77 -15.84 10.01
CA GLN B 3 15.74 -15.01 8.84
C GLN B 3 15.38 -15.75 7.55
N LEU B 4 14.62 -15.08 6.74
CA LEU B 4 14.12 -15.48 5.43
C LEU B 4 14.48 -14.34 4.49
N GLN B 5 15.31 -14.57 3.53
CA GLN B 5 15.74 -13.57 2.61
C GLN B 5 15.25 -13.61 1.20
N GLN B 6 14.69 -12.48 0.84
CA GLN B 6 14.19 -12.31 -0.51
C GLN B 6 14.79 -11.05 -1.12
N PRO B 7 15.04 -11.15 -2.39
CA PRO B 7 15.58 -10.02 -3.16
C PRO B 7 14.59 -8.90 -3.03
N GLY B 8 14.93 -7.65 -3.22
CA GLY B 8 13.97 -6.55 -3.00
C GLY B 8 13.07 -6.28 -4.17
N ALA B 9 13.61 -6.39 -5.37
CA ALA B 9 12.79 -6.07 -6.56
C ALA B 9 13.19 -6.80 -7.84
N GLU B 10 12.23 -7.11 -8.72
CA GLU B 10 12.48 -7.77 -9.98
C GLU B 10 11.70 -6.98 -11.04
N LEU B 11 12.17 -6.97 -12.24
CA LEU B 11 11.53 -6.24 -13.35
C LEU B 11 11.54 -7.24 -14.51
N VAL B 12 10.38 -7.64 -15.00
CA VAL B 12 10.40 -8.63 -16.12
C VAL B 12 9.43 -8.05 -17.13
N LYS B 13 9.54 -8.53 -18.34
CA LYS B 13 8.69 -8.11 -19.46
C LYS B 13 7.45 -9.00 -19.41
N PRO B 14 6.36 -8.49 -19.90
CA PRO B 14 5.14 -9.29 -19.94
C PRO B 14 5.45 -10.47 -20.86
N GLY B 15 4.99 -11.67 -20.60
CA GLY B 15 5.17 -12.86 -21.40
C GLY B 15 6.23 -13.84 -20.98
N ALA B 16 7.11 -13.47 -20.10
CA ALA B 16 8.24 -14.18 -19.55
C ALA B 16 7.86 -14.81 -18.23
N SER B 17 8.80 -15.28 -17.48
CA SER B 17 8.57 -15.87 -16.16
C SER B 17 9.69 -15.35 -15.26
N VAL B 18 9.61 -15.48 -13.98
CA VAL B 18 10.61 -15.11 -13.00
C VAL B 18 10.70 -16.25 -11.96
N LYS B 19 11.84 -16.45 -11.37
CA LYS B 19 12.03 -17.41 -10.31
C LYS B 19 12.35 -16.53 -9.09
N LEU B 20 11.46 -16.48 -8.13
CA LEU B 20 11.67 -15.64 -6.95
C LEU B 20 12.33 -16.59 -5.96
N SER B 21 13.16 -16.07 -5.08
CA SER B 21 13.86 -16.86 -4.07
C SER B 21 13.59 -16.41 -2.64
N CYS B 22 13.75 -17.42 -1.81
CA CYS B 22 13.55 -17.28 -0.37
C CYS B 22 14.52 -18.20 0.33
N LYS B 23 15.59 -17.60 0.81
CA LYS B 23 16.68 -18.31 1.45
C LYS B 23 16.54 -18.24 2.94
N ALA B 24 16.38 -19.38 3.59
CA ALA B 24 16.21 -19.48 5.03
C ALA B 24 17.54 -19.68 5.74
N SER B 25 17.62 -19.18 6.94
CA SER B 25 18.80 -19.35 7.81
C SER B 25 18.32 -19.27 9.25
N GLY B 26 18.98 -19.92 10.18
CA GLY B 26 18.61 -19.82 11.59
C GLY B 26 17.76 -20.86 12.20
N TYR B 27 17.42 -21.88 11.46
CA TYR B 27 16.59 -23.01 11.90
C TYR B 27 16.79 -24.16 10.93
N THR B 28 16.24 -25.28 11.31
CA THR B 28 16.32 -26.49 10.48
C THR B 28 15.28 -26.36 9.39
N PHE B 29 15.83 -26.02 8.25
CA PHE B 29 15.03 -25.80 7.07
C PHE B 29 13.86 -26.73 6.93
N THR B 30 14.02 -28.00 7.20
CA THR B 30 13.03 -29.03 6.96
C THR B 30 11.98 -29.25 8.01
N SER B 31 12.14 -28.63 9.17
CA SER B 31 11.13 -28.83 10.21
C SER B 31 10.02 -27.82 10.04
N TYR B 32 10.04 -26.98 9.04
CA TYR B 32 8.92 -26.01 8.98
C TYR B 32 8.47 -25.98 7.54
N TRP B 33 7.20 -25.70 7.36
CA TRP B 33 6.71 -25.58 5.95
C TRP B 33 7.00 -24.17 5.46
N MET B 34 7.00 -23.90 4.21
CA MET B 34 7.25 -22.57 3.66
C MET B 34 6.04 -22.21 2.76
N HIS B 35 5.50 -21.02 2.90
CA HIS B 35 4.34 -20.50 2.18
C HIS B 35 4.71 -19.26 1.37
N TRP B 36 3.96 -18.98 0.33
CA TRP B 36 4.17 -17.83 -0.58
C TRP B 36 2.88 -17.01 -0.55
N VAL B 37 2.91 -15.71 -0.55
CA VAL B 37 1.73 -14.86 -0.43
C VAL B 37 1.86 -13.69 -1.39
N LYS B 38 0.73 -13.22 -1.88
CA LYS B 38 0.73 -12.08 -2.82
C LYS B 38 0.05 -10.93 -2.12
N GLN B 39 0.60 -9.77 -2.27
CA GLN B 39 0.02 -8.55 -1.75
C GLN B 39 -0.05 -7.52 -2.88
N ARG B 40 -1.22 -7.04 -3.16
CA ARG B 40 -1.33 -5.96 -4.21
C ARG B 40 -1.34 -4.76 -3.23
N PRO B 41 -0.49 -3.78 -3.37
CA PRO B 41 -0.48 -2.64 -2.41
C PRO B 41 -1.92 -2.17 -2.25
N GLY B 42 -2.41 -2.26 -1.01
CA GLY B 42 -3.75 -1.87 -0.63
C GLY B 42 -4.94 -2.70 -0.97
N ARG B 43 -4.85 -3.99 -1.29
CA ARG B 43 -6.04 -4.81 -1.59
C ARG B 43 -6.05 -6.10 -0.80
N GLY B 44 -5.02 -6.36 0.03
CA GLY B 44 -5.01 -7.59 0.82
C GLY B 44 -4.01 -8.62 0.36
N LEU B 45 -3.86 -9.65 1.14
CA LEU B 45 -2.98 -10.77 0.98
C LEU B 45 -3.81 -11.90 0.36
N GLU B 46 -3.21 -12.68 -0.47
CA GLU B 46 -3.76 -13.83 -1.14
C GLU B 46 -2.73 -14.95 -1.03
N TRP B 47 -3.07 -16.07 -0.52
CA TRP B 47 -2.21 -17.24 -0.39
C TRP B 47 -2.02 -17.82 -1.79
N ILE B 48 -0.83 -18.16 -2.17
CA ILE B 48 -0.49 -18.81 -3.42
C ILE B 48 -0.41 -20.32 -3.20
N GLY B 49 0.38 -20.83 -2.30
CA GLY B 49 0.48 -22.26 -2.00
C GLY B 49 1.56 -22.50 -0.97
N ARG B 50 1.78 -23.75 -0.56
CA ARG B 50 2.85 -24.05 0.40
C ARG B 50 3.64 -25.29 -0.05
N ILE B 51 4.87 -25.37 0.43
CA ILE B 51 5.75 -26.48 0.12
C ILE B 51 6.35 -27.05 1.38
N ASP B 52 6.51 -28.36 1.34
CA ASP B 52 7.18 -29.03 2.53
C ASP B 52 8.62 -29.19 2.07
N PRO B 53 9.58 -28.50 2.61
CA PRO B 53 10.95 -28.60 2.14
C PRO B 53 11.48 -29.98 2.42
N ASN B 54 10.75 -30.80 3.19
CA ASN B 54 11.28 -32.16 3.41
C ASN B 54 11.10 -32.99 2.15
N SER B 55 9.89 -33.39 1.87
CA SER B 55 9.47 -34.20 0.76
C SER B 55 9.23 -33.44 -0.50
N GLY B 56 9.21 -32.15 -0.52
CA GLY B 56 9.00 -31.39 -1.77
C GLY B 56 7.55 -31.32 -2.16
N GLY B 57 6.60 -31.73 -1.36
CA GLY B 57 5.17 -31.68 -1.61
C GLY B 57 4.58 -30.30 -1.40
N THR B 58 3.62 -29.97 -2.26
CA THR B 58 2.94 -28.67 -2.31
C THR B 58 1.44 -28.74 -2.25
N LYS B 59 0.82 -27.63 -1.95
CA LYS B 59 -0.64 -27.48 -1.89
C LYS B 59 -0.79 -26.06 -2.49
N TYR B 60 -1.59 -25.87 -3.45
CA TYR B 60 -1.79 -24.62 -4.10
C TYR B 60 -3.21 -24.11 -3.92
N ASN B 61 -3.30 -22.82 -4.20
CA ASN B 61 -4.58 -22.10 -4.18
C ASN B 61 -5.08 -22.42 -5.61
N GLU B 62 -6.24 -22.96 -5.77
CA GLU B 62 -6.72 -23.30 -7.11
C GLU B 62 -6.56 -22.14 -8.05
N LYS B 63 -6.56 -20.95 -7.47
CA LYS B 63 -6.50 -19.77 -8.35
C LYS B 63 -5.16 -19.61 -8.97
N PHE B 64 -4.11 -20.05 -8.35
CA PHE B 64 -2.73 -19.98 -8.78
C PHE B 64 -2.13 -21.24 -9.38
N LYS B 65 -2.86 -22.31 -9.45
CA LYS B 65 -2.42 -23.59 -9.95
C LYS B 65 -1.62 -23.56 -11.23
N SER B 66 -2.00 -22.73 -12.16
CA SER B 66 -1.31 -22.62 -13.45
C SER B 66 -0.42 -21.39 -13.51
N LYS B 67 -0.32 -20.63 -12.45
CA LYS B 67 0.51 -19.42 -12.47
C LYS B 67 1.73 -19.66 -11.61
N ALA B 68 1.65 -20.31 -10.47
CA ALA B 68 2.81 -20.47 -9.59
C ALA B 68 3.43 -21.83 -9.54
N THR B 69 4.74 -21.95 -9.33
CA THR B 69 5.37 -23.28 -9.18
C THR B 69 6.30 -23.24 -7.96
N LEU B 70 6.03 -23.99 -6.93
CA LEU B 70 6.89 -24.03 -5.74
C LEU B 70 7.94 -25.15 -5.86
N THR B 71 9.15 -24.89 -5.44
CA THR B 71 10.24 -25.86 -5.44
C THR B 71 11.10 -25.50 -4.25
N VAL B 72 12.00 -26.38 -3.96
CA VAL B 72 12.89 -26.19 -2.78
C VAL B 72 14.23 -26.80 -3.08
N ASP B 73 15.27 -26.26 -2.52
CA ASP B 73 16.63 -26.82 -2.76
C ASP B 73 17.15 -27.01 -1.34
N LYS B 74 17.07 -28.19 -0.81
CA LYS B 74 17.45 -28.53 0.55
C LYS B 74 18.87 -28.14 0.89
N PRO B 75 19.83 -28.45 0.04
CA PRO B 75 21.25 -28.09 0.28
C PRO B 75 21.46 -26.61 0.60
N SER B 76 20.95 -25.70 -0.21
CA SER B 76 21.10 -24.26 0.00
C SER B 76 20.03 -23.60 0.83
N SER B 77 19.17 -24.35 1.49
CA SER B 77 18.10 -23.79 2.29
C SER B 77 17.28 -22.71 1.64
N THR B 78 16.88 -22.76 0.40
CA THR B 78 16.06 -21.76 -0.28
C THR B 78 14.79 -22.34 -0.87
N ALA B 79 13.72 -21.60 -0.72
CA ALA B 79 12.45 -22.09 -1.32
C ALA B 79 12.38 -21.19 -2.54
N TYR B 80 11.84 -21.63 -3.62
CA TYR B 80 11.69 -20.81 -4.84
C TYR B 80 10.21 -20.97 -5.29
N MET B 81 9.80 -20.02 -6.07
CA MET B 81 8.50 -19.96 -6.67
C MET B 81 8.64 -19.40 -8.09
N GLN B 82 8.21 -20.11 -9.10
CA GLN B 82 8.30 -19.57 -10.49
C GLN B 82 6.92 -18.99 -10.80
N LEU B 83 6.75 -18.05 -11.65
CA LEU B 83 5.48 -17.41 -12.04
C LEU B 83 5.63 -17.36 -13.59
N SER B 84 4.64 -17.86 -14.28
CA SER B 84 4.74 -17.96 -15.73
C SER B 84 3.84 -17.09 -16.52
N SER B 85 4.12 -16.88 -17.80
CA SER B 85 3.23 -16.02 -18.59
C SER B 85 2.86 -14.76 -17.84
N LEU B 86 3.83 -14.02 -17.35
CA LEU B 86 3.55 -12.78 -16.59
C LEU B 86 2.87 -11.73 -17.43
N THR B 87 2.06 -10.89 -16.79
CA THR B 87 1.42 -9.74 -17.44
C THR B 87 1.47 -8.53 -16.52
N SER B 88 1.22 -7.33 -16.98
CA SER B 88 1.20 -6.17 -16.05
C SER B 88 0.49 -6.46 -14.76
N GLU B 89 -0.57 -7.25 -14.81
CA GLU B 89 -1.37 -7.57 -13.64
C GLU B 89 -0.68 -8.38 -12.60
N ASP B 90 0.43 -9.03 -12.88
CA ASP B 90 1.08 -9.83 -11.84
C ASP B 90 1.91 -8.94 -10.93
N SER B 91 2.07 -7.71 -11.28
CA SER B 91 2.86 -6.80 -10.45
C SER B 91 2.24 -6.80 -9.05
N ALA B 92 3.06 -7.00 -8.05
CA ALA B 92 2.67 -7.06 -6.64
C ALA B 92 3.93 -7.41 -5.87
N VAL B 93 3.83 -7.59 -4.59
CA VAL B 93 4.91 -7.95 -3.68
C VAL B 93 4.56 -9.38 -3.25
N TYR B 94 5.53 -10.22 -3.31
CA TYR B 94 5.40 -11.64 -2.99
C TYR B 94 6.28 -11.95 -1.81
N TYR B 95 5.69 -12.37 -0.70
CA TYR B 95 6.30 -12.74 0.51
C TYR B 95 6.43 -14.26 0.68
N CYS B 96 7.38 -14.65 1.47
CA CYS B 96 7.57 -16.08 1.80
C CYS B 96 7.44 -15.96 3.34
N ALA B 97 6.75 -16.93 3.86
CA ALA B 97 6.49 -16.99 5.30
C ALA B 97 6.68 -18.44 5.70
N ARG B 98 7.16 -18.68 6.87
CA ARG B 98 7.44 -19.98 7.45
C ARG B 98 6.23 -20.38 8.27
N TYR B 99 5.86 -21.64 8.27
CA TYR B 99 4.67 -22.09 8.99
C TYR B 99 5.02 -23.22 9.91
N ASP B 100 4.76 -23.04 11.18
CA ASP B 100 5.07 -24.09 12.16
C ASP B 100 3.98 -25.15 12.11
N TYR B 101 3.99 -25.97 11.07
CA TYR B 101 2.97 -27.02 10.96
C TYR B 101 3.00 -28.05 12.08
N TYR B 102 4.18 -28.51 12.45
CA TYR B 102 4.38 -29.54 13.45
C TYR B 102 4.24 -29.04 14.87
N GLY B 103 4.20 -27.74 15.03
CA GLY B 103 4.09 -27.15 16.35
C GLY B 103 2.78 -26.48 16.67
N SER B 104 2.88 -25.15 16.74
CA SER B 104 1.78 -24.26 17.11
C SER B 104 0.97 -23.66 16.04
N SER B 105 1.22 -23.88 14.78
CA SER B 105 0.40 -23.43 13.70
C SER B 105 0.36 -21.96 13.43
N TYR B 106 1.51 -21.31 13.42
CA TYR B 106 1.49 -19.90 13.00
C TYR B 106 2.53 -19.63 11.93
N PHE B 107 2.21 -18.63 11.13
CA PHE B 107 3.11 -18.07 10.10
C PHE B 107 3.95 -17.05 10.94
N ASP B 108 4.91 -17.59 11.66
CA ASP B 108 5.78 -16.84 12.57
C ASP B 108 6.68 -15.87 11.87
N TYR B 109 7.63 -16.26 11.05
CA TYR B 109 8.57 -15.33 10.39
C TYR B 109 8.27 -15.11 8.92
N TRP B 110 8.42 -13.90 8.45
CA TRP B 110 8.14 -13.55 7.07
C TRP B 110 9.36 -12.93 6.42
N GLY B 111 9.38 -12.99 5.12
CA GLY B 111 10.41 -12.42 4.25
C GLY B 111 10.03 -10.95 4.10
N GLN B 112 10.90 -10.16 3.58
CA GLN B 112 10.61 -8.73 3.44
C GLN B 112 9.79 -8.54 2.16
N GLY B 113 9.56 -9.62 1.45
CA GLY B 113 8.78 -9.54 0.20
C GLY B 113 9.66 -8.94 -0.88
N THR B 114 9.39 -9.36 -2.09
CA THR B 114 9.97 -9.00 -3.36
C THR B 114 8.90 -8.29 -4.21
N THR B 115 9.23 -7.09 -4.62
CA THR B 115 8.35 -6.30 -5.47
C THR B 115 8.54 -6.63 -6.92
N LEU B 116 7.60 -7.31 -7.52
CA LEU B 116 7.76 -7.64 -8.97
C LEU B 116 7.02 -6.57 -9.73
N THR B 117 7.60 -6.05 -10.77
CA THR B 117 7.05 -5.10 -11.67
C THR B 117 7.08 -5.75 -13.07
N VAL B 118 5.96 -5.86 -13.73
CA VAL B 118 5.97 -6.46 -15.07
C VAL B 118 5.62 -5.32 -15.98
N SER B 119 6.57 -4.93 -16.81
CA SER B 119 6.23 -3.75 -17.65
C SER B 119 6.93 -3.92 -18.97
N SER B 120 6.27 -3.41 -19.99
CA SER B 120 6.89 -3.54 -21.32
C SER B 120 7.56 -2.21 -21.64
N ALA B 121 7.45 -1.25 -20.77
CA ALA B 121 7.98 0.09 -20.94
C ALA B 121 9.49 0.21 -20.85
N LYS B 122 9.95 1.12 -21.70
CA LYS B 122 11.38 1.45 -21.79
C LYS B 122 11.63 2.64 -20.83
N THR B 123 12.90 2.83 -20.61
CA THR B 123 13.35 3.96 -19.75
C THR B 123 12.72 5.17 -20.40
N THR B 124 11.85 5.86 -19.71
CA THR B 124 11.12 7.06 -20.19
C THR B 124 11.24 8.14 -19.13
N PRO B 125 11.46 9.39 -19.49
CA PRO B 125 11.62 10.49 -18.53
C PRO B 125 10.26 11.12 -18.29
N PRO B 126 10.06 11.64 -17.09
CA PRO B 126 8.79 12.23 -16.74
C PRO B 126 8.56 13.49 -17.54
N SER B 127 7.32 13.87 -17.63
CA SER B 127 6.89 15.16 -18.23
C SER B 127 6.40 15.88 -16.94
N VAL B 128 6.96 16.97 -16.53
CA VAL B 128 6.60 17.72 -15.32
C VAL B 128 5.56 18.77 -15.68
N TYR B 129 4.47 18.92 -14.96
CA TYR B 129 3.47 19.98 -15.24
C TYR B 129 3.27 20.82 -13.98
N PRO B 130 3.26 22.13 -14.13
CA PRO B 130 3.09 23.02 -12.99
C PRO B 130 1.70 22.88 -12.40
N LEU B 131 1.64 22.92 -11.09
CA LEU B 131 0.36 22.84 -10.37
C LEU B 131 0.18 24.12 -9.54
N ALA B 132 -0.45 25.06 -10.20
CA ALA B 132 -0.77 26.39 -9.64
C ALA B 132 -2.26 26.33 -9.22
N PRO B 133 -2.60 27.08 -8.20
CA PRO B 133 -3.96 27.12 -7.66
C PRO B 133 -5.04 27.59 -8.63
N GLY B 134 -6.05 28.27 -8.12
CA GLY B 134 -7.18 28.87 -8.84
C GLY B 134 -8.26 29.47 -7.93
N SER B 135 -7.91 30.52 -7.19
CA SER B 135 -8.80 31.23 -6.26
C SER B 135 -8.04 32.13 -5.28
N SER B 141 -3.85 32.62 4.49
CA SER B 141 -2.51 32.71 5.07
C SER B 141 -1.41 32.18 4.15
N MET B 142 -1.31 30.86 4.00
CA MET B 142 -0.32 30.13 3.20
C MET B 142 -0.85 29.61 1.88
N VAL B 143 -0.03 29.34 0.85
CA VAL B 143 -0.59 28.83 -0.42
C VAL B 143 0.14 27.57 -0.86
N THR B 144 -0.59 26.55 -1.27
CA THR B 144 0.05 25.34 -1.72
C THR B 144 0.26 25.31 -3.23
N LEU B 145 1.40 24.83 -3.62
CA LEU B 145 1.83 24.70 -5.00
C LEU B 145 2.20 23.25 -5.18
N GLY B 146 2.26 22.82 -6.41
CA GLY B 146 2.64 21.38 -6.57
C GLY B 146 3.18 21.23 -7.97
N CYS B 147 3.52 19.98 -8.24
CA CYS B 147 4.05 19.73 -9.64
C CYS B 147 3.81 18.26 -9.85
N LEU B 148 3.36 17.90 -11.02
CA LEU B 148 3.00 16.53 -11.43
C LEU B 148 4.14 15.91 -12.21
N VAL B 149 4.68 14.77 -11.81
CA VAL B 149 5.75 14.10 -12.58
C VAL B 149 5.08 12.83 -13.15
N LYS B 150 4.53 13.04 -14.32
CA LYS B 150 3.75 12.08 -15.06
C LYS B 150 4.45 11.37 -16.20
N GLY B 151 4.15 10.10 -16.20
CA GLY B 151 4.52 9.02 -17.06
C GLY B 151 6.01 8.81 -17.13
N TYR B 152 6.58 8.27 -16.10
CA TYR B 152 8.07 8.04 -16.18
C TYR B 152 8.32 6.60 -15.87
N PHE B 153 9.51 6.11 -16.20
CA PHE B 153 9.82 4.69 -15.94
C PHE B 153 11.32 4.49 -16.15
N PRO B 154 12.01 3.83 -15.26
CA PRO B 154 11.52 3.23 -14.02
C PRO B 154 11.41 4.22 -12.88
N GLU B 155 11.44 3.65 -11.68
CA GLU B 155 11.43 4.40 -10.42
C GLU B 155 12.90 4.61 -10.06
N PRO B 156 13.28 5.68 -9.39
CA PRO B 156 12.44 6.78 -8.90
C PRO B 156 12.79 8.08 -9.59
N VAL B 157 12.14 9.13 -9.14
CA VAL B 157 12.37 10.50 -9.55
C VAL B 157 12.75 11.20 -8.23
N THR B 158 13.44 12.31 -8.40
CA THR B 158 13.82 13.09 -7.18
C THR B 158 13.14 14.44 -7.36
N VAL B 159 12.42 14.95 -6.41
CA VAL B 159 11.78 16.27 -6.56
C VAL B 159 12.31 17.16 -5.41
N THR B 160 12.63 18.33 -5.84
CA THR B 160 13.21 19.39 -4.95
C THR B 160 12.54 20.71 -5.26
N TRP B 161 12.46 21.66 -4.33
CA TRP B 161 11.82 22.98 -4.62
C TRP B 161 12.90 24.06 -4.52
N ASN B 162 13.01 24.93 -5.49
CA ASN B 162 14.03 25.97 -5.49
C ASN B 162 15.39 25.35 -5.14
N SER B 163 15.70 24.29 -5.79
CA SER B 163 16.97 23.58 -5.65
C SER B 163 17.31 23.25 -4.21
N GLY B 164 16.31 23.16 -3.35
CA GLY B 164 16.52 22.83 -1.96
C GLY B 164 16.23 23.85 -0.89
N SER B 165 16.11 25.13 -1.23
CA SER B 165 15.86 26.17 -0.25
C SER B 165 14.49 25.91 0.42
N LEU B 166 13.59 25.47 -0.43
CA LEU B 166 12.21 25.19 0.05
C LEU B 166 12.28 23.71 0.38
N SER B 167 12.75 23.49 1.57
CA SER B 167 12.89 22.12 2.05
C SER B 167 11.84 21.86 3.12
N SER B 168 11.21 22.87 3.67
CA SER B 168 10.18 22.69 4.70
C SER B 168 8.78 22.84 4.13
N GLY B 169 7.96 21.92 4.61
CA GLY B 169 6.55 21.81 4.24
C GLY B 169 6.42 21.36 2.79
N VAL B 170 7.20 20.34 2.50
CA VAL B 170 7.23 19.74 1.17
C VAL B 170 6.73 18.30 1.30
N HIS B 171 5.81 18.01 0.40
CA HIS B 171 5.23 16.65 0.44
C HIS B 171 5.38 16.04 -0.94
N THR B 172 6.03 14.90 -0.96
CA THR B 172 6.19 14.19 -2.24
C THR B 172 5.43 12.88 -2.08
N PHE B 173 4.40 12.74 -2.87
CA PHE B 173 3.56 11.52 -2.73
C PHE B 173 4.16 10.32 -3.39
N PRO B 174 3.66 9.16 -3.03
CA PRO B 174 4.11 7.85 -3.57
C PRO B 174 3.61 7.73 -4.99
N ALA B 175 4.24 6.93 -5.84
CA ALA B 175 3.77 6.85 -7.21
C ALA B 175 2.81 5.71 -7.51
N VAL B 176 1.97 6.04 -8.48
CA VAL B 176 0.95 5.09 -8.96
C VAL B 176 1.30 4.62 -10.36
N LEU B 177 1.43 3.32 -10.56
CA LEU B 177 1.76 2.67 -11.87
C LEU B 177 0.46 2.61 -12.69
N GLN B 178 0.43 3.42 -13.72
CA GLN B 178 -0.70 3.55 -14.64
C GLN B 178 -0.36 3.18 -16.09
N SER B 179 -0.82 2.03 -16.57
CA SER B 179 -0.51 1.67 -17.98
C SER B 179 0.99 1.73 -18.27
N ASP B 180 1.71 0.94 -17.52
CA ASP B 180 3.14 0.68 -17.54
C ASP B 180 4.05 1.84 -17.21
N LEU B 181 3.49 2.99 -16.94
CA LEU B 181 4.18 4.24 -16.60
C LEU B 181 3.73 4.78 -15.26
N TYR B 182 4.67 5.34 -14.50
CA TYR B 182 4.31 5.89 -13.18
C TYR B 182 3.96 7.37 -13.27
N THR B 183 3.42 7.84 -12.19
CA THR B 183 3.00 9.21 -11.95
C THR B 183 3.24 9.56 -10.49
N LEU B 184 3.75 10.75 -10.26
CA LEU B 184 3.97 11.25 -8.89
C LEU B 184 3.65 12.74 -8.84
N SER B 185 3.48 13.22 -7.62
CA SER B 185 3.15 14.59 -7.29
C SER B 185 3.95 15.02 -6.03
N SER B 186 4.21 16.30 -6.02
CA SER B 186 4.89 17.05 -5.00
C SER B 186 4.24 18.43 -4.88
N SER B 187 4.09 18.86 -3.64
CA SER B 187 3.53 20.19 -3.33
C SER B 187 4.40 20.84 -2.24
N VAL B 188 4.41 22.15 -2.26
CA VAL B 188 5.15 22.97 -1.30
C VAL B 188 4.21 24.11 -0.86
N THR B 189 4.29 24.42 0.40
CA THR B 189 3.48 25.50 0.99
C THR B 189 4.42 26.64 1.34
N VAL B 190 4.09 27.77 0.80
CA VAL B 190 4.81 29.02 0.84
C VAL B 190 3.91 30.16 1.29
N PRO B 191 4.50 31.07 2.06
CA PRO B 191 3.73 32.25 2.51
C PRO B 191 3.04 32.83 1.29
N SER B 192 1.85 33.38 1.43
CA SER B 192 1.09 33.94 0.30
C SER B 192 1.68 35.26 -0.21
N SER B 193 2.69 35.69 0.49
CA SER B 193 3.49 36.88 0.20
C SER B 193 4.55 36.50 -0.81
N PRO B 194 5.36 35.49 -0.51
CA PRO B 194 6.40 35.04 -1.44
C PRO B 194 5.80 34.72 -2.79
N TRP B 195 4.59 34.23 -2.86
CA TRP B 195 4.03 33.88 -4.19
C TRP B 195 2.83 34.71 -4.57
N PRO B 196 2.75 35.13 -5.83
CA PRO B 196 3.65 34.92 -6.94
C PRO B 196 4.80 35.88 -7.12
N SER B 197 5.06 36.70 -6.14
CA SER B 197 6.15 37.71 -6.17
C SER B 197 7.47 37.04 -6.54
N GLU B 198 7.96 36.26 -5.59
CA GLU B 198 9.20 35.45 -5.78
C GLU B 198 8.79 34.12 -6.39
N THR B 199 9.53 33.66 -7.40
CA THR B 199 9.18 32.40 -8.09
C THR B 199 9.51 31.13 -7.36
N VAL B 200 8.81 30.07 -7.76
CA VAL B 200 8.93 28.72 -7.22
C VAL B 200 9.11 27.80 -8.41
N THR B 201 10.14 27.02 -8.33
CA THR B 201 10.50 26.06 -9.38
C THR B 201 10.55 24.69 -8.77
N CYS B 202 10.04 23.66 -9.40
CA CYS B 202 10.16 22.28 -8.87
C CYS B 202 11.27 21.69 -9.78
N ASN B 203 12.19 21.00 -9.18
CA ASN B 203 13.29 20.41 -9.94
C ASN B 203 13.13 18.89 -9.85
N VAL B 204 12.68 18.36 -10.98
CA VAL B 204 12.51 16.91 -11.08
C VAL B 204 13.75 16.30 -11.69
N ALA B 205 14.29 15.25 -11.13
CA ALA B 205 15.45 14.56 -11.70
C ALA B 205 15.07 13.06 -11.75
N HIS B 206 15.27 12.47 -12.88
CA HIS B 206 14.99 11.07 -13.19
C HIS B 206 16.26 10.39 -13.70
N PRO B 207 17.03 9.80 -12.80
CA PRO B 207 18.29 9.14 -13.11
C PRO B 207 18.34 8.15 -14.25
N ALA B 208 17.55 7.08 -14.23
CA ALA B 208 17.57 6.11 -15.33
C ALA B 208 17.68 6.80 -16.68
N SER B 209 17.07 7.94 -16.91
CA SER B 209 17.12 8.64 -18.20
C SER B 209 17.91 9.94 -18.25
N SER B 210 18.80 10.12 -17.32
CA SER B 210 19.67 11.29 -17.15
C SER B 210 19.02 12.62 -17.48
N THR B 211 17.81 12.80 -16.95
CA THR B 211 16.92 13.93 -17.05
C THR B 211 16.98 14.86 -15.83
N LYS B 212 16.79 16.12 -16.13
CA LYS B 212 16.78 17.26 -15.20
C LYS B 212 15.87 18.31 -15.82
N VAL B 213 14.72 18.45 -15.20
CA VAL B 213 13.65 19.38 -15.60
C VAL B 213 13.37 20.30 -14.41
N ASP B 214 13.26 21.57 -14.70
CA ASP B 214 12.95 22.63 -13.73
C ASP B 214 11.69 23.38 -14.28
N LYS B 215 10.65 23.48 -13.50
CA LYS B 215 9.46 24.22 -13.92
C LYS B 215 9.07 25.26 -12.88
N LYS B 216 9.07 26.51 -13.32
CA LYS B 216 8.67 27.67 -12.52
C LYS B 216 7.16 27.61 -12.36
N ILE B 217 6.56 27.73 -11.20
CA ILE B 217 5.08 27.65 -11.15
C ILE B 217 4.56 29.06 -11.37
N VAL B 218 4.03 29.33 -12.53
CA VAL B 218 3.48 30.67 -12.84
C VAL B 218 1.99 30.64 -12.55
N PRO B 219 1.57 31.72 -11.93
CA PRO B 219 0.14 31.85 -11.55
C PRO B 219 -0.67 31.82 -12.83
N ARG B 220 -1.79 31.14 -12.73
CA ARG B 220 -2.72 31.01 -13.88
C ARG B 220 -3.77 29.95 -13.59
S SO4 C . -6.55 -10.45 -9.04
O1 SO4 C . -7.17 -9.59 -10.11
O2 SO4 C . -6.99 -9.88 -7.72
O3 SO4 C . -6.96 -11.87 -9.14
O4 SO4 C . -5.05 -10.40 -9.26
C1 NPA D . -2.76 -27.13 7.93
C2 NPA D . -1.99 -26.32 7.17
C3 NPA D . -1.54 -26.80 5.97
C4 NPA D . -1.81 -28.08 5.49
C5 NPA D . -2.59 -28.90 6.28
C6 NPA D . -3.03 -28.43 7.46
C7 NPA D . -3.27 -26.63 9.24
C8 NPA D . -2.42 -27.18 10.38
N1 NPA D . -0.80 -25.89 5.21
O1 NPA D . -0.55 -24.78 5.61
O2 NPA D . -0.39 -26.30 4.12
O3 NPA D . -1.42 -28.64 4.34
O4 NPA D . -2.87 -28.14 10.98
O5 NPA D . -1.38 -26.53 10.71
#